data_4KQ9
#
_entry.id   4KQ9
#
_cell.length_a   61.469
_cell.length_b   60.536
_cell.length_c   88.898
_cell.angle_alpha   90.00
_cell.angle_beta   90.00
_cell.angle_gamma   90.00
#
_symmetry.space_group_name_H-M   'P 21 21 21'
#
loop_
_entity.id
_entity.type
_entity.pdbx_description
1 polymer 'Ribose ABC transporter, substrate binding protein'
2 non-polymer GLYCEROL
3 water water
#
_entity_poly.entity_id   1
_entity_poly.type   'polypeptide(L)'
_entity_poly.pdbx_seq_one_letter_code
;GGGSAAGKKVVYSTFGAQIPFFNRIGEGAKAQATVRRLDFDISTSEIDPGKQIDSIDNAVAQQPDGLIVSPIDGSALVPT
IKGAVEDGVPVILLADGLSEDVGQLSFVGSDFAEIGRLKATYIADRLGDGGTVA(MSE)VNGTRG(MSE)SFVEEQGEAA
REVFEERGIEIVDDVYTKAITPDEGLTATQNILTRHSDVGAIYYSGDDGALGGIRAIAARNIAPGKI(MSE)VVGTDANE
GALAAVRAGT(MSE)ALTVSQCAYEQGGIAIDV(MSE)ADYLETGKKPDRRIFTPVIEIDTETIDRV(MSE)SGAAWERC
ENH
;
_entity_poly.pdbx_strand_id   A
#
loop_
_chem_comp.id
_chem_comp.type
_chem_comp.name
_chem_comp.formula
GOL non-polymer GLYCEROL 'C3 H8 O3'
#
# COMPACT_ATOMS: atom_id res chain seq x y z
N GLY A 1 14.29 -27.48 -20.31
CA GLY A 1 14.67 -26.93 -18.98
C GLY A 1 15.07 -28.03 -18.01
N GLY A 2 14.10 -28.55 -17.29
CA GLY A 2 14.38 -29.54 -16.25
C GLY A 2 14.65 -28.98 -14.86
N GLY A 3 14.75 -27.64 -14.72
CA GLY A 3 14.91 -27.03 -13.38
C GLY A 3 13.64 -27.09 -12.50
N SER A 4 13.79 -26.90 -11.18
CA SER A 4 12.62 -26.94 -10.30
C SER A 4 12.83 -26.08 -9.06
N ALA A 5 11.74 -25.47 -8.59
CA ALA A 5 11.76 -24.69 -7.38
C ALA A 5 11.46 -25.58 -6.13
N ALA A 6 10.91 -26.79 -6.34
CA ALA A 6 10.53 -27.75 -5.24
C ALA A 6 11.67 -27.94 -4.28
N GLY A 7 11.46 -27.75 -2.98
CA GLY A 7 12.53 -27.91 -1.99
C GLY A 7 13.36 -26.68 -1.67
N LYS A 8 13.48 -25.76 -2.62
CA LYS A 8 14.24 -24.53 -2.39
C LYS A 8 13.78 -23.83 -1.13
N LYS A 9 14.75 -23.33 -0.35
CA LYS A 9 14.52 -22.67 0.90
C LYS A 9 14.41 -21.15 0.63
N VAL A 10 13.26 -20.60 0.98
CA VAL A 10 13.04 -19.17 0.85
C VAL A 10 12.49 -18.66 2.15
N VAL A 11 12.96 -17.48 2.52
CA VAL A 11 12.53 -16.81 3.70
C VAL A 11 11.94 -15.44 3.36
N TYR A 12 10.79 -15.14 4.01
CA TYR A 12 10.20 -13.80 4.06
C TYR A 12 10.37 -13.13 5.42
N SER A 13 11.14 -12.04 5.42
CA SER A 13 11.32 -11.14 6.50
C SER A 13 10.35 -9.99 6.46
N THR A 14 9.42 -10.02 7.43
CA THR A 14 8.45 -8.96 7.61
C THR A 14 8.49 -8.45 9.07
N PHE A 15 7.52 -7.61 9.42
CA PHE A 15 7.47 -6.99 10.73
C PHE A 15 5.99 -6.83 11.12
N GLY A 16 5.76 -6.52 12.40
CA GLY A 16 4.41 -6.22 12.89
C GLY A 16 3.44 -7.41 12.90
N ALA A 17 3.56 -8.23 13.96
CA ALA A 17 2.59 -9.30 14.24
C ALA A 17 1.17 -8.75 14.28
N GLN A 18 0.98 -7.50 14.63
CA GLN A 18 -0.39 -7.02 14.75
C GLN A 18 -0.94 -6.40 13.45
N ILE A 19 -0.09 -6.09 12.47
CA ILE A 19 -0.54 -5.22 11.33
C ILE A 19 -1.28 -6.07 10.30
N PRO A 20 -2.58 -5.76 10.08
CA PRO A 20 -3.37 -6.62 9.20
C PRO A 20 -2.76 -6.78 7.80
N PHE A 21 -2.29 -5.68 7.23
CA PHE A 21 -1.83 -5.68 5.84
C PHE A 21 -0.70 -6.72 5.66
N PHE A 22 0.31 -6.69 6.52
CA PHE A 22 1.47 -7.62 6.46
C PHE A 22 1.12 -9.02 6.87
N ASN A 23 0.16 -9.16 7.79
CA ASN A 23 -0.39 -10.46 8.03
C ASN A 23 -0.98 -11.05 6.76
N ARG A 24 -1.69 -10.26 5.95
CA ARG A 24 -2.36 -10.79 4.78
C ARG A 24 -1.34 -11.13 3.68
N ILE A 25 -0.32 -10.33 3.56
CA ILE A 25 0.75 -10.68 2.60
C ILE A 25 1.37 -12.06 2.99
N GLY A 26 1.69 -12.24 4.29
CA GLY A 26 2.21 -13.52 4.78
C GLY A 26 1.32 -14.68 4.41
N GLU A 27 0.01 -14.53 4.59
CA GLU A 27 -0.93 -15.56 4.19
C GLU A 27 -0.92 -15.89 2.70
N GLY A 28 -0.90 -14.90 1.84
CA GLY A 28 -0.92 -15.21 0.40
C GLY A 28 0.40 -15.89 -0.02
N ALA A 29 1.51 -15.47 0.60
CA ALA A 29 2.86 -16.05 0.31
C ALA A 29 2.88 -17.50 0.80
N LYS A 30 2.33 -17.73 1.99
CA LYS A 30 2.28 -19.10 2.52
C LYS A 30 1.50 -20.02 1.68
N ALA A 31 0.33 -19.60 1.24
CA ALA A 31 -0.49 -20.41 0.42
C ALA A 31 0.22 -20.74 -0.91
N GLN A 32 0.85 -19.74 -1.50
CA GLN A 32 1.47 -20.04 -2.81
C GLN A 32 2.74 -20.85 -2.69
N ALA A 33 3.46 -20.67 -1.61
CA ALA A 33 4.66 -21.41 -1.37
C ALA A 33 4.39 -22.92 -1.31
N THR A 34 3.23 -23.27 -0.76
CA THR A 34 2.77 -24.63 -0.75
C THR A 34 2.53 -25.14 -2.14
N VAL A 35 1.88 -24.32 -2.98
CA VAL A 35 1.59 -24.72 -4.32
C VAL A 35 2.85 -24.97 -5.14
N ARG A 36 3.83 -24.11 -4.97
CA ARG A 36 5.09 -24.22 -5.71
C ARG A 36 6.06 -25.21 -5.03
N ARG A 37 5.67 -25.75 -3.89
CA ARG A 37 6.42 -26.73 -3.11
C ARG A 37 7.76 -26.28 -2.57
N LEU A 38 7.83 -25.03 -2.13
CA LEU A 38 9.00 -24.48 -1.52
C LEU A 38 9.11 -24.86 -0.05
N ASP A 39 10.34 -24.93 0.45
CA ASP A 39 10.58 -24.90 1.89
C ASP A 39 10.61 -23.43 2.33
N PHE A 40 9.51 -23.02 2.96
CA PHE A 40 9.21 -21.58 3.14
C PHE A 40 9.03 -21.18 4.60
N ASP A 41 9.79 -20.21 5.06
CA ASP A 41 9.56 -19.65 6.36
C ASP A 41 9.26 -18.16 6.32
N ILE A 42 8.42 -17.71 7.24
CA ILE A 42 8.27 -16.29 7.51
C ILE A 42 8.89 -15.90 8.85
N SER A 43 9.79 -14.93 8.83
CA SER A 43 10.32 -14.38 10.04
C SER A 43 9.80 -12.98 10.29
N THR A 44 9.19 -12.76 11.46
CA THR A 44 8.50 -11.50 11.74
C THR A 44 9.16 -10.81 12.87
N SER A 45 9.66 -9.62 12.64
CA SER A 45 10.42 -8.97 13.64
C SER A 45 9.54 -7.97 14.41
N GLU A 46 10.14 -7.34 15.41
CA GLU A 46 9.45 -6.38 16.24
C GLU A 46 9.38 -5.19 15.35
N ILE A 47 8.49 -4.26 15.65
CA ILE A 47 8.47 -3.05 14.87
C ILE A 47 9.66 -2.17 15.21
N ASP A 48 10.86 -2.58 14.78
CA ASP A 48 12.07 -1.76 14.96
C ASP A 48 13.16 -2.07 13.92
N PRO A 49 13.77 -1.02 13.33
CA PRO A 49 14.70 -1.30 12.22
C PRO A 49 15.83 -2.21 12.63
N GLY A 50 16.39 -1.97 13.83
CA GLY A 50 17.48 -2.75 14.35
C GLY A 50 17.09 -4.18 14.49
N LYS A 51 15.86 -4.44 14.87
CA LYS A 51 15.43 -5.81 15.08
C LYS A 51 15.29 -6.52 13.72
N GLN A 52 14.80 -5.77 12.73
CA GLN A 52 14.61 -6.38 11.40
C GLN A 52 15.96 -6.73 10.77
N ILE A 53 16.91 -5.81 10.93
CA ILE A 53 18.31 -6.02 10.53
C ILE A 53 18.92 -7.31 11.10
N ASP A 54 18.71 -7.57 12.39
CA ASP A 54 19.25 -8.81 12.98
C ASP A 54 18.54 -9.97 12.36
N SER A 55 17.24 -9.80 12.13
CA SER A 55 16.47 -10.94 11.66
C SER A 55 16.95 -11.33 10.23
N ILE A 56 17.26 -10.31 9.43
CA ILE A 56 17.68 -10.50 8.05
C ILE A 56 19.09 -11.08 8.06
N ASP A 57 19.99 -10.34 8.73
CA ASP A 57 21.40 -10.78 8.95
C ASP A 57 21.42 -12.23 9.36
N ASN A 58 20.48 -12.59 10.22
CA ASN A 58 20.42 -13.94 10.68
C ASN A 58 19.93 -14.93 9.64
N ALA A 59 18.89 -14.56 8.89
CA ALA A 59 18.40 -15.46 7.84
C ALA A 59 19.50 -15.68 6.79
N VAL A 60 20.24 -14.63 6.48
CA VAL A 60 21.31 -14.69 5.51
C VAL A 60 22.38 -15.70 5.92
N ALA A 61 22.67 -15.77 7.22
CA ALA A 61 23.62 -16.75 7.76
C ALA A 61 23.16 -18.23 7.65
N GLN A 62 21.86 -18.49 7.45
CA GLN A 62 21.40 -19.87 7.14
C GLN A 62 21.43 -20.22 5.64
N GLN A 63 22.01 -19.34 4.81
CA GLN A 63 22.20 -19.60 3.37
C GLN A 63 20.93 -20.01 2.57
N PRO A 64 19.87 -19.19 2.67
CA PRO A 64 18.65 -19.53 1.96
C PRO A 64 18.84 -19.41 0.44
N ASP A 65 18.05 -20.14 -0.33
CA ASP A 65 18.06 -19.98 -1.80
C ASP A 65 17.40 -18.68 -2.25
N GLY A 66 16.56 -18.09 -1.41
CA GLY A 66 15.96 -16.78 -1.69
C GLY A 66 15.48 -16.05 -0.44
N LEU A 67 15.51 -14.73 -0.50
CA LEU A 67 15.03 -13.84 0.54
C LEU A 67 14.02 -12.85 -0.06
N ILE A 68 12.85 -12.76 0.56
CA ILE A 68 11.87 -11.72 0.29
C ILE A 68 11.81 -10.80 1.54
N VAL A 69 11.78 -9.49 1.34
CA VAL A 69 11.80 -8.55 2.43
C VAL A 69 10.75 -7.49 2.23
N SER A 70 9.86 -7.33 3.21
CA SER A 70 9.08 -6.05 3.34
C SER A 70 9.79 -5.16 4.39
N PRO A 71 10.47 -4.09 3.96
CA PRO A 71 11.36 -3.36 4.86
C PRO A 71 10.65 -2.36 5.76
N ILE A 72 10.86 -2.50 7.07
CA ILE A 72 10.32 -1.53 8.02
C ILE A 72 10.81 -0.09 7.77
N ASP A 73 12.05 0.09 7.36
CA ASP A 73 12.52 1.43 7.02
C ASP A 73 13.37 1.33 5.77
N GLY A 74 13.05 2.14 4.77
CA GLY A 74 13.73 2.08 3.48
C GLY A 74 15.19 2.49 3.35
N SER A 75 15.74 3.16 4.35
CA SER A 75 17.16 3.58 4.26
C SER A 75 18.05 2.85 5.25
N ALA A 76 17.55 2.57 6.43
CA ALA A 76 18.36 1.93 7.45
C ALA A 76 18.70 0.50 7.05
N LEU A 77 17.79 -0.14 6.31
CA LEU A 77 17.94 -1.53 5.85
C LEU A 77 18.87 -1.71 4.62
N VAL A 78 19.26 -0.62 3.99
CA VAL A 78 20.07 -0.68 2.79
C VAL A 78 21.33 -1.51 2.92
N PRO A 79 22.17 -1.22 3.91
CA PRO A 79 23.43 -1.97 4.04
C PRO A 79 23.25 -3.47 4.21
N THR A 80 22.31 -3.84 5.04
CA THR A 80 21.99 -5.22 5.26
C THR A 80 21.48 -5.93 3.98
N ILE A 81 20.53 -5.32 3.28
CA ILE A 81 19.97 -6.04 2.13
C ILE A 81 21.04 -6.07 1.01
N LYS A 82 21.74 -4.97 0.82
CA LYS A 82 22.93 -4.94 -0.06
C LYS A 82 23.93 -6.03 0.33
N GLY A 83 24.02 -6.29 1.63
CA GLY A 83 24.90 -7.35 2.09
C GLY A 83 24.44 -8.70 1.67
N ALA A 84 23.12 -8.96 1.77
CA ALA A 84 22.54 -10.25 1.34
C ALA A 84 22.76 -10.55 -0.17
N VAL A 85 22.60 -9.52 -0.98
CA VAL A 85 22.77 -9.59 -2.41
C VAL A 85 24.23 -9.98 -2.72
N GLU A 86 25.17 -9.19 -2.23
CA GLU A 86 26.61 -9.45 -2.41
C GLU A 86 27.06 -10.79 -1.87
N ASP A 87 26.22 -11.38 -1.04
CA ASP A 87 26.43 -12.74 -0.55
C ASP A 87 25.75 -13.76 -1.42
N GLY A 88 25.26 -13.31 -2.58
CA GLY A 88 24.64 -14.16 -3.58
C GLY A 88 23.22 -14.63 -3.28
N VAL A 89 22.54 -14.06 -2.29
CA VAL A 89 21.10 -14.38 -2.09
C VAL A 89 20.23 -13.54 -3.02
N PRO A 90 19.44 -14.14 -3.88
CA PRO A 90 18.51 -13.31 -4.68
C PRO A 90 17.48 -12.69 -3.70
N VAL A 91 17.27 -11.38 -3.79
CA VAL A 91 16.37 -10.67 -2.88
C VAL A 91 15.21 -10.03 -3.64
N ILE A 92 13.99 -10.16 -3.13
CA ILE A 92 12.86 -9.46 -3.71
C ILE A 92 12.37 -8.53 -2.61
N LEU A 93 12.19 -7.26 -2.92
CA LEU A 93 11.52 -6.36 -2.05
C LEU A 93 10.01 -6.46 -2.27
N LEU A 94 9.26 -6.33 -1.20
CA LEU A 94 7.83 -6.64 -1.26
C LEU A 94 7.03 -5.57 -0.51
N ALA A 95 6.07 -4.97 -1.20
CA ALA A 95 5.14 -3.87 -0.78
C ALA A 95 5.76 -2.47 -0.65
N ASP A 96 6.96 -2.44 -0.11
CA ASP A 96 7.73 -1.23 0.05
C ASP A 96 9.18 -1.47 -0.39
N GLY A 97 9.76 -0.41 -0.92
CA GLY A 97 11.10 -0.43 -1.48
C GLY A 97 12.15 0.20 -0.57
N LEU A 98 13.36 0.36 -1.08
CA LEU A 98 14.45 0.96 -0.32
C LEU A 98 14.73 2.31 -0.92
N SER A 99 15.57 3.07 -0.21
CA SER A 99 15.98 4.41 -0.65
C SER A 99 16.97 4.41 -1.80
N GLU A 100 17.56 3.28 -2.13
CA GLU A 100 18.39 3.26 -3.30
C GLU A 100 18.46 1.85 -3.81
N ASP A 101 18.93 1.68 -5.05
CA ASP A 101 19.00 0.36 -5.70
C ASP A 101 20.13 -0.38 -5.06
N VAL A 102 19.88 -1.59 -4.58
CA VAL A 102 20.96 -2.40 -4.08
C VAL A 102 21.14 -3.71 -4.86
N GLY A 103 20.67 -3.82 -6.12
CA GLY A 103 20.89 -5.09 -6.84
C GLY A 103 19.89 -6.20 -6.51
N GLN A 104 18.78 -5.81 -5.91
CA GLN A 104 17.65 -6.74 -5.77
C GLN A 104 17.24 -7.29 -7.11
N LEU A 105 16.77 -8.50 -7.07
CA LEU A 105 16.11 -9.15 -8.19
C LEU A 105 14.87 -8.44 -8.69
N SER A 106 14.00 -8.01 -7.76
CA SER A 106 12.84 -7.23 -8.10
C SER A 106 12.24 -6.51 -6.86
N PHE A 107 11.37 -5.55 -7.15
CA PHE A 107 10.52 -4.86 -6.20
C PHE A 107 9.07 -5.06 -6.65
N VAL A 108 8.36 -5.87 -5.90
CA VAL A 108 6.99 -6.26 -6.15
C VAL A 108 6.14 -5.40 -5.19
N GLY A 109 5.20 -4.64 -5.75
CA GLY A 109 4.33 -3.86 -4.89
C GLY A 109 3.58 -2.79 -5.68
N SER A 110 2.63 -2.14 -5.00
CA SER A 110 1.72 -1.23 -5.70
C SER A 110 2.49 -0.08 -6.33
N ASP A 111 1.88 0.47 -7.37
CA ASP A 111 2.28 1.73 -7.98
C ASP A 111 1.53 2.85 -7.29
N PHE A 112 2.20 3.49 -6.36
CA PHE A 112 1.58 4.48 -5.48
C PHE A 112 1.09 5.67 -6.33
N ALA A 113 1.73 5.97 -7.47
CA ALA A 113 1.28 7.06 -8.40
C ALA A 113 0.01 6.74 -9.06
N GLU A 114 -0.20 5.46 -9.39
CA GLU A 114 -1.47 4.99 -9.91
C GLU A 114 -2.60 5.12 -8.89
N ILE A 115 -2.34 4.73 -7.65
CA ILE A 115 -3.31 4.95 -6.56
C ILE A 115 -3.80 6.43 -6.53
N GLY A 116 -2.88 7.35 -6.52
CA GLY A 116 -3.15 8.84 -6.57
C GLY A 116 -3.98 9.30 -7.75
N ARG A 117 -3.69 8.80 -8.95
CA ARG A 117 -4.46 9.14 -10.15
CA ARG A 117 -4.47 9.14 -10.14
C ARG A 117 -5.86 8.57 -10.11
N LEU A 118 -6.00 7.36 -9.59
CA LEU A 118 -7.33 6.78 -9.50
C LEU A 118 -8.25 7.61 -8.56
N LYS A 119 -7.68 8.01 -7.43
CA LYS A 119 -8.41 8.78 -6.44
C LYS A 119 -8.80 10.19 -6.94
N ALA A 120 -7.85 10.85 -7.52
CA ALA A 120 -8.04 12.18 -8.09
C ALA A 120 -9.01 12.19 -9.25
N THR A 121 -8.97 11.13 -10.10
CA THR A 121 -9.89 11.00 -11.20
C THR A 121 -11.32 10.71 -10.77
N TYR A 122 -11.48 9.89 -9.72
CA TYR A 122 -12.75 9.62 -9.18
C TYR A 122 -13.42 10.97 -8.79
N ILE A 123 -12.65 11.80 -8.11
CA ILE A 123 -13.16 13.08 -7.58
C ILE A 123 -13.45 14.04 -8.75
N ALA A 124 -12.48 14.18 -9.64
CA ALA A 124 -12.66 14.97 -10.86
C ALA A 124 -13.94 14.56 -11.66
N ASP A 125 -14.19 13.28 -11.88
CA ASP A 125 -15.38 12.90 -12.61
C ASP A 125 -16.66 13.32 -11.90
N ARG A 126 -16.64 13.52 -10.58
CA ARG A 126 -17.87 13.63 -9.88
C ARG A 126 -18.16 15.00 -9.35
N LEU A 127 -17.17 15.85 -9.32
CA LEU A 127 -17.26 17.14 -8.64
C LEU A 127 -18.15 18.11 -9.43
N GLY A 128 -19.01 18.90 -8.73
CA GLY A 128 -19.74 20.06 -9.35
C GLY A 128 -18.82 21.05 -10.06
N ASP A 129 -19.38 22.03 -10.77
CA ASP A 129 -18.59 22.86 -11.72
C ASP A 129 -17.51 23.76 -11.10
N GLY A 130 -17.83 24.51 -10.05
CA GLY A 130 -16.79 25.28 -9.33
C GLY A 130 -16.15 24.53 -8.15
N GLY A 131 -16.31 23.21 -8.08
CA GLY A 131 -15.97 22.44 -6.87
C GLY A 131 -14.47 22.38 -6.64
N THR A 132 -14.09 22.27 -5.37
CA THR A 132 -12.68 22.41 -5.01
C THR A 132 -12.32 21.18 -4.14
N VAL A 133 -11.05 20.99 -3.88
CA VAL A 133 -10.56 19.80 -3.13
C VAL A 133 -9.51 20.23 -2.12
N ALA A 134 -9.39 19.51 -1.02
CA ALA A 134 -8.30 19.61 -0.12
C ALA A 134 -7.64 18.26 0.05
N MSE A 135 -6.37 18.33 0.41
CA MSE A 135 -5.55 17.12 0.54
C MSE A 135 -5.02 17.08 1.92
O MSE A 135 -4.40 18.05 2.40
CB MSE A 135 -4.43 17.18 -0.54
CG MSE A 135 -5.02 17.04 -1.92
SE MSE A 135 -3.52 17.06 -3.27
CE MSE A 135 -2.53 15.41 -2.70
N VAL A 136 -5.26 15.95 2.57
CA VAL A 136 -4.70 15.65 3.88
C VAL A 136 -3.73 14.49 3.73
N ASN A 137 -2.48 14.85 3.63
CA ASN A 137 -1.41 13.91 3.35
C ASN A 137 -0.94 13.39 4.66
N GLY A 138 -0.33 12.19 4.68
CA GLY A 138 0.25 11.61 5.91
C GLY A 138 1.67 12.24 6.06
N THR A 139 2.64 11.44 6.52
CA THR A 139 4.05 11.92 6.83
C THR A 139 4.86 12.43 5.67
N ARG A 140 5.35 13.66 5.82
CA ARG A 140 6.08 14.36 4.75
CA ARG A 140 6.05 14.30 4.70
C ARG A 140 7.31 13.51 4.35
N GLY A 141 7.60 13.39 3.06
CA GLY A 141 8.77 12.60 2.59
C GLY A 141 8.60 11.07 2.44
N MSE A 142 7.54 10.49 3.03
CA MSE A 142 7.22 9.07 2.86
CA MSE A 142 7.24 9.08 2.85
C MSE A 142 6.83 8.87 1.44
O MSE A 142 5.96 9.59 0.90
CB MSE A 142 6.10 8.53 3.73
CB MSE A 142 6.17 8.57 3.78
CG MSE A 142 6.59 8.30 5.15
CG MSE A 142 6.66 8.68 5.21
SE MSE A 142 5.47 7.07 6.24
SE MSE A 142 8.38 7.74 5.44
CE MSE A 142 4.05 6.53 4.96
CE MSE A 142 7.70 5.91 5.07
N SER A 143 7.45 7.88 0.82
CA SER A 143 7.22 7.57 -0.56
C SER A 143 5.72 7.30 -0.84
N PHE A 144 5.06 6.59 0.08
CA PHE A 144 3.63 6.26 -0.11
C PHE A 144 2.81 7.55 -0.21
N VAL A 145 3.18 8.55 0.61
CA VAL A 145 2.51 9.86 0.69
C VAL A 145 2.83 10.74 -0.48
N GLU A 146 4.13 10.89 -0.76
CA GLU A 146 4.58 11.78 -1.80
C GLU A 146 4.29 11.34 -3.19
N GLU A 147 4.46 10.04 -3.47
CA GLU A 147 4.23 9.60 -4.83
C GLU A 147 2.76 9.64 -5.18
N GLN A 148 1.90 9.19 -4.28
CA GLN A 148 0.47 9.30 -4.58
C GLN A 148 0.01 10.78 -4.69
N GLY A 149 0.59 11.63 -3.88
CA GLY A 149 0.20 13.05 -3.83
C GLY A 149 0.60 13.80 -5.08
N GLU A 150 1.80 13.57 -5.58
CA GLU A 150 2.19 14.23 -6.81
C GLU A 150 1.34 13.70 -7.98
N ALA A 151 1.04 12.41 -8.00
CA ALA A 151 0.18 11.94 -9.05
C ALA A 151 -1.21 12.62 -9.00
N ALA A 152 -1.72 12.87 -7.77
CA ALA A 152 -3.04 13.41 -7.62
C ALA A 152 -3.08 14.88 -8.01
N ARG A 153 -2.07 15.63 -7.62
CA ARG A 153 -2.00 17.02 -8.01
C ARG A 153 -2.02 17.20 -9.55
N GLU A 154 -1.30 16.30 -10.26
CA GLU A 154 -1.28 16.36 -11.71
C GLU A 154 -2.67 16.16 -12.31
N VAL A 155 -3.45 15.22 -11.77
CA VAL A 155 -4.80 15.00 -12.23
C VAL A 155 -5.61 16.26 -11.94
N PHE A 156 -5.52 16.86 -10.74
CA PHE A 156 -6.39 17.98 -10.43
C PHE A 156 -6.08 19.18 -11.38
N GLU A 157 -4.80 19.41 -11.63
CA GLU A 157 -4.36 20.42 -12.62
C GLU A 157 -4.99 20.18 -13.98
N GLU A 158 -4.78 19.00 -14.53
CA GLU A 158 -5.26 18.63 -15.82
C GLU A 158 -6.78 18.73 -15.94
N ARG A 159 -7.51 18.49 -14.84
CA ARG A 159 -8.98 18.55 -14.91
C ARG A 159 -9.60 19.85 -14.45
N GLY A 160 -8.75 20.81 -14.05
CA GLY A 160 -9.16 22.14 -13.67
C GLY A 160 -9.72 22.33 -12.26
N ILE A 161 -9.30 21.47 -11.33
CA ILE A 161 -9.82 21.41 -9.98
C ILE A 161 -8.85 22.12 -9.07
N GLU A 162 -9.34 23.18 -8.41
CA GLU A 162 -8.55 23.99 -7.53
C GLU A 162 -8.35 23.28 -6.19
N ILE A 163 -7.11 23.23 -5.74
CA ILE A 163 -6.78 22.59 -4.45
C ILE A 163 -6.64 23.70 -3.46
N VAL A 164 -7.51 23.74 -2.46
CA VAL A 164 -7.59 24.89 -1.56
C VAL A 164 -6.76 24.74 -0.31
N ASP A 165 -6.41 23.51 0.06
CA ASP A 165 -5.56 23.24 1.21
C ASP A 165 -4.87 21.91 0.87
N ASP A 166 -3.61 21.83 1.20
CA ASP A 166 -2.79 20.72 0.81
C ASP A 166 -1.82 20.64 1.94
N VAL A 167 -2.14 19.84 2.97
CA VAL A 167 -1.45 19.74 4.22
C VAL A 167 -0.87 18.35 4.53
N TYR A 168 0.20 18.34 5.33
CA TYR A 168 0.94 17.10 5.69
C TYR A 168 0.64 16.96 7.13
N THR A 169 0.59 15.74 7.66
CA THR A 169 0.20 15.48 9.04
C THR A 169 1.33 14.63 9.68
N LYS A 170 1.22 14.31 10.96
CA LYS A 170 2.32 13.63 11.67
C LYS A 170 2.42 12.21 11.16
N ALA A 171 1.25 11.60 11.04
CA ALA A 171 1.13 10.25 10.51
C ALA A 171 -0.30 10.03 10.02
N ILE A 172 -0.51 8.89 9.39
CA ILE A 172 -1.87 8.55 8.99
C ILE A 172 -2.60 7.88 10.14
N THR A 173 -3.38 8.66 10.91
CA THR A 173 -4.18 8.23 12.04
C THR A 173 -5.51 8.95 12.08
N PRO A 174 -6.55 8.36 12.70
CA PRO A 174 -7.84 9.03 12.83
C PRO A 174 -7.75 10.38 13.52
N ASP A 175 -6.88 10.46 14.53
CA ASP A 175 -6.77 11.74 15.22
C ASP A 175 -6.17 12.86 14.40
N GLU A 176 -5.15 12.51 13.65
CA GLU A 176 -4.46 13.38 12.75
C GLU A 176 -5.44 13.82 11.65
N GLY A 177 -6.20 12.85 11.12
CA GLY A 177 -7.28 13.16 10.12
C GLY A 177 -8.37 14.12 10.58
N LEU A 178 -8.80 13.90 11.81
CA LEU A 178 -9.83 14.63 12.39
C LEU A 178 -9.37 16.10 12.63
N THR A 179 -8.20 16.28 13.18
CA THR A 179 -7.68 17.66 13.41
C THR A 179 -7.43 18.45 12.18
N ALA A 180 -6.83 17.80 11.22
CA ALA A 180 -6.57 18.48 9.99
C ALA A 180 -7.84 18.87 9.26
N THR A 181 -8.82 17.96 9.25
CA THR A 181 -10.09 18.22 8.59
C THR A 181 -10.89 19.29 9.28
N GLN A 182 -10.92 19.27 10.63
CA GLN A 182 -11.68 20.31 11.29
C GLN A 182 -11.09 21.70 11.01
N ASN A 183 -9.76 21.82 10.91
CA ASN A 183 -9.11 23.11 10.57
C ASN A 183 -9.38 23.51 9.16
N ILE A 184 -9.27 22.56 8.23
CA ILE A 184 -9.61 22.83 6.85
C ILE A 184 -11.00 23.40 6.74
N LEU A 185 -11.94 22.78 7.41
CA LEU A 185 -13.34 23.19 7.25
C LEU A 185 -13.57 24.56 7.89
N THR A 186 -12.76 24.96 8.87
CA THR A 186 -12.95 26.30 9.43
C THR A 186 -12.54 27.39 8.42
N ARG A 187 -11.61 27.04 7.53
CA ARG A 187 -11.05 27.94 6.52
C ARG A 187 -11.80 27.80 5.20
N HIS A 188 -12.24 26.59 4.86
CA HIS A 188 -12.88 26.38 3.55
C HIS A 188 -14.07 25.47 3.67
N SER A 189 -15.12 25.97 4.30
CA SER A 189 -16.24 25.09 4.66
C SER A 189 -17.02 24.50 3.47
N ASP A 190 -16.85 25.07 2.29
CA ASP A 190 -17.52 24.68 1.05
C ASP A 190 -16.71 23.73 0.15
N VAL A 191 -15.59 23.20 0.64
CA VAL A 191 -14.77 22.26 -0.13
C VAL A 191 -15.66 21.12 -0.64
N GLY A 192 -15.46 20.67 -1.86
CA GLY A 192 -16.28 19.56 -2.35
C GLY A 192 -15.77 18.16 -2.09
N ALA A 193 -14.48 18.01 -1.90
CA ALA A 193 -13.89 16.71 -1.69
C ALA A 193 -12.64 16.86 -0.81
N ILE A 194 -12.31 15.79 -0.09
CA ILE A 194 -11.07 15.74 0.66
C ILE A 194 -10.38 14.40 0.39
N TYR A 195 -9.14 14.51 -0.11
CA TYR A 195 -8.28 13.40 -0.45
C TYR A 195 -7.45 13.10 0.85
N TYR A 196 -7.39 11.86 1.31
CA TYR A 196 -6.57 11.42 2.44
C TYR A 196 -5.55 10.38 1.93
N SER A 197 -4.28 10.45 2.35
CA SER A 197 -3.28 9.49 1.94
C SER A 197 -3.74 8.08 2.26
N GLY A 198 -4.40 7.93 3.40
CA GLY A 198 -4.85 6.61 3.86
C GLY A 198 -6.14 6.62 4.58
N ASP A 199 -6.76 5.41 4.67
CA ASP A 199 -8.10 5.25 5.32
C ASP A 199 -8.23 5.72 6.73
N ASP A 200 -7.22 5.49 7.57
CA ASP A 200 -7.43 5.85 8.96
C ASP A 200 -7.54 7.41 9.08
N GLY A 201 -6.85 8.08 8.21
CA GLY A 201 -6.89 9.56 8.11
C GLY A 201 -8.31 9.94 7.80
N ALA A 202 -8.86 9.29 6.79
CA ALA A 202 -10.21 9.58 6.34
C ALA A 202 -11.28 9.27 7.38
N LEU A 203 -11.06 8.22 8.15
CA LEU A 203 -12.01 7.82 9.15
C LEU A 203 -12.13 8.92 10.23
N GLY A 204 -11.00 9.55 10.52
CA GLY A 204 -10.99 10.75 11.35
C GLY A 204 -11.64 11.96 10.70
N GLY A 205 -11.36 12.16 9.41
CA GLY A 205 -12.07 13.21 8.69
C GLY A 205 -13.56 13.14 8.68
N ILE A 206 -14.11 11.93 8.55
CA ILE A 206 -15.53 11.72 8.55
C ILE A 206 -16.16 12.18 9.85
N ARG A 207 -15.46 11.99 10.95
CA ARG A 207 -15.98 12.42 12.29
C ARG A 207 -15.98 13.92 12.41
N ALA A 208 -14.97 14.56 11.83
CA ALA A 208 -14.92 16.02 11.75
C ALA A 208 -16.01 16.60 10.95
N ILE A 209 -16.32 15.99 9.82
CA ILE A 209 -17.41 16.47 8.99
C ILE A 209 -18.78 16.37 9.71
N ALA A 210 -18.99 15.28 10.40
CA ALA A 210 -20.26 15.01 11.08
C ALA A 210 -20.44 15.96 12.29
N ALA A 211 -19.35 16.17 13.05
CA ALA A 211 -19.32 17.19 14.16
C ALA A 211 -19.72 18.56 13.70
N ARG A 212 -19.55 18.85 12.40
CA ARG A 212 -20.01 20.13 11.83
C ARG A 212 -21.38 20.06 11.32
N ASN A 213 -22.02 18.92 11.54
CA ASN A 213 -23.33 18.68 11.04
C ASN A 213 -23.50 18.81 9.58
N ILE A 214 -22.45 18.46 8.84
CA ILE A 214 -22.52 18.38 7.39
C ILE A 214 -23.08 16.99 6.99
N ALA A 215 -23.96 16.99 6.01
CA ALA A 215 -24.69 15.79 5.63
C ALA A 215 -23.71 14.76 5.01
N PRO A 216 -23.86 13.48 5.37
CA PRO A 216 -22.95 12.44 4.87
C PRO A 216 -22.94 12.36 3.36
N GLY A 217 -21.76 12.38 2.79
CA GLY A 217 -21.60 12.34 1.34
C GLY A 217 -21.70 13.68 0.66
N LYS A 218 -22.00 14.74 1.38
CA LYS A 218 -21.96 16.06 0.75
C LYS A 218 -20.52 16.46 0.34
N ILE A 219 -19.57 16.02 1.12
CA ILE A 219 -18.16 16.20 0.77
C ILE A 219 -17.64 14.84 0.42
N MSE A 220 -17.04 14.71 -0.74
CA MSE A 220 -16.55 13.37 -1.14
C MSE A 220 -15.21 13.08 -0.45
O MSE A 220 -14.24 13.78 -0.63
CB MSE A 220 -16.29 13.28 -2.64
CG MSE A 220 -17.60 13.28 -3.42
SE MSE A 220 -17.04 12.90 -5.29
CE MSE A 220 -16.23 14.57 -5.58
N VAL A 221 -15.17 12.01 0.31
CA VAL A 221 -13.93 11.61 1.02
C VAL A 221 -13.36 10.32 0.40
N VAL A 222 -12.06 10.33 0.08
CA VAL A 222 -11.36 9.22 -0.55
C VAL A 222 -10.07 8.90 0.24
N GLY A 223 -9.81 7.62 0.35
CA GLY A 223 -8.66 7.09 1.14
C GLY A 223 -8.05 5.87 0.46
N THR A 224 -7.13 5.18 1.11
CA THR A 224 -6.48 4.01 0.62
C THR A 224 -6.33 3.03 1.80
N ASP A 225 -6.54 1.77 1.50
CA ASP A 225 -6.25 0.58 2.27
C ASP A 225 -7.41 -0.41 2.22
N ALA A 226 -8.61 0.12 2.03
CA ALA A 226 -9.79 -0.72 2.07
C ALA A 226 -9.78 -1.51 3.38
N ASN A 227 -9.52 -0.85 4.48
CA ASN A 227 -9.67 -1.49 5.78
C ASN A 227 -11.13 -1.69 6.15
N GLU A 228 -11.34 -2.44 7.20
CA GLU A 228 -12.70 -2.77 7.55
C GLU A 228 -13.58 -1.54 7.87
N GLY A 229 -13.05 -0.55 8.54
CA GLY A 229 -13.90 0.65 8.82
C GLY A 229 -14.20 1.45 7.57
N ALA A 230 -13.24 1.44 6.64
CA ALA A 230 -13.40 2.08 5.35
C ALA A 230 -14.43 1.37 4.48
N LEU A 231 -14.44 0.08 4.46
CA LEU A 231 -15.42 -0.62 3.66
C LEU A 231 -16.82 -0.31 4.21
N ALA A 232 -16.96 -0.26 5.53
CA ALA A 232 -18.27 0.06 6.12
C ALA A 232 -18.69 1.49 5.81
N ALA A 233 -17.75 2.40 5.91
CA ALA A 233 -18.05 3.82 5.56
C ALA A 233 -18.43 4.02 4.10
N VAL A 234 -17.74 3.30 3.21
CA VAL A 234 -18.05 3.36 1.82
C VAL A 234 -19.46 2.79 1.62
N ARG A 235 -19.76 1.66 2.27
CA ARG A 235 -21.09 1.07 2.16
C ARG A 235 -22.12 2.07 2.68
N ALA A 236 -21.87 2.66 3.85
CA ALA A 236 -22.80 3.68 4.40
C ALA A 236 -22.91 4.99 3.60
N GLY A 237 -22.00 5.28 2.70
CA GLY A 237 -22.08 6.56 1.97
C GLY A 237 -21.35 7.73 2.70
N THR A 238 -20.66 7.46 3.80
CA THR A 238 -19.97 8.56 4.49
C THR A 238 -18.57 8.73 3.86
N MSE A 239 -18.01 7.68 3.25
CA MSE A 239 -16.78 7.77 2.40
C MSE A 239 -17.17 7.44 1.01
O MSE A 239 -18.08 6.62 0.81
CB MSE A 239 -15.76 6.75 2.85
CG MSE A 239 -15.01 7.25 4.07
SE MSE A 239 -13.48 6.06 4.49
CE MSE A 239 -12.92 5.63 2.76
N ALA A 240 -16.53 8.05 0.01
CA ALA A 240 -16.87 7.80 -1.42
C ALA A 240 -16.08 6.66 -2.03
N LEU A 241 -14.78 6.59 -1.73
CA LEU A 241 -13.88 5.63 -2.42
C LEU A 241 -12.77 5.22 -1.48
N THR A 242 -12.43 3.96 -1.51
CA THR A 242 -11.14 3.54 -0.98
C THR A 242 -10.45 2.62 -1.98
N VAL A 243 -9.16 2.38 -1.81
CA VAL A 243 -8.41 1.57 -2.75
C VAL A 243 -7.74 0.44 -1.97
N SER A 244 -7.93 -0.81 -2.42
CA SER A 244 -7.14 -1.97 -1.88
C SER A 244 -5.82 -2.15 -2.62
N GLN A 245 -4.74 -2.38 -1.85
CA GLN A 245 -3.45 -2.70 -2.42
C GLN A 245 -3.26 -4.20 -2.53
N CYS A 246 -4.31 -5.00 -2.29
CA CYS A 246 -4.31 -6.43 -2.63
C CYS A 246 -3.18 -7.22 -1.98
N ALA A 247 -3.11 -7.10 -0.66
CA ALA A 247 -2.02 -7.66 0.14
C ALA A 247 -1.85 -9.14 -0.11
N TYR A 248 -2.97 -9.85 -0.14
CA TYR A 248 -2.93 -11.29 -0.37
C TYR A 248 -2.29 -11.67 -1.70
N GLU A 249 -2.70 -10.99 -2.77
CA GLU A 249 -2.13 -11.18 -4.06
C GLU A 249 -0.65 -10.82 -4.14
N GLN A 250 -0.24 -9.74 -3.46
CA GLN A 250 1.13 -9.38 -3.44
C GLN A 250 1.99 -10.58 -3.00
N GLY A 251 1.56 -11.21 -1.92
CA GLY A 251 2.32 -12.34 -1.34
C GLY A 251 2.45 -13.50 -2.29
N GLY A 252 1.37 -13.79 -3.03
CA GLY A 252 1.38 -14.85 -4.04
C GLY A 252 2.31 -14.52 -5.19
N ILE A 253 2.25 -13.30 -5.65
CA ILE A 253 3.04 -12.88 -6.78
C ILE A 253 4.51 -12.91 -6.42
N ALA A 254 4.89 -12.41 -5.26
CA ALA A 254 6.30 -12.47 -4.87
C ALA A 254 6.84 -13.90 -4.83
N ILE A 255 6.04 -14.82 -4.34
CA ILE A 255 6.43 -16.23 -4.31
C ILE A 255 6.55 -16.77 -5.75
N ASP A 256 5.59 -16.51 -6.60
CA ASP A 256 5.65 -16.94 -7.97
C ASP A 256 6.90 -16.38 -8.72
N VAL A 257 7.20 -15.12 -8.52
CA VAL A 257 8.40 -14.54 -9.07
C VAL A 257 9.65 -15.28 -8.60
N MSE A 258 9.79 -15.44 -7.32
CA MSE A 258 10.91 -16.15 -6.80
C MSE A 258 10.94 -17.58 -7.26
O MSE A 258 12.00 -18.04 -7.70
CB MSE A 258 10.91 -16.13 -5.27
CG MSE A 258 12.07 -16.89 -4.64
SE MSE A 258 13.75 -15.89 -4.95
CE MSE A 258 13.51 -14.52 -3.62
N ALA A 259 9.84 -18.30 -7.20
CA ALA A 259 9.88 -19.72 -7.65
C ALA A 259 10.19 -19.87 -9.16
N ASP A 260 9.69 -18.97 -10.01
CA ASP A 260 10.01 -19.04 -11.40
C ASP A 260 11.50 -18.76 -11.62
N TYR A 261 12.05 -17.77 -10.94
CA TYR A 261 13.49 -17.51 -11.04
C TYR A 261 14.33 -18.72 -10.57
N LEU A 262 13.99 -19.30 -9.42
CA LEU A 262 14.73 -20.48 -8.94
C LEU A 262 14.60 -21.69 -9.90
N GLU A 263 13.53 -21.75 -10.66
CA GLU A 263 13.30 -22.85 -11.57
C GLU A 263 14.00 -22.69 -12.93
N THR A 264 14.09 -21.46 -13.43
CA THR A 264 14.51 -21.21 -14.80
C THR A 264 15.82 -20.40 -14.91
N GLY A 265 16.22 -19.75 -13.82
CA GLY A 265 17.26 -18.79 -13.85
C GLY A 265 17.03 -17.57 -14.71
N LYS A 266 15.84 -17.38 -15.29
CA LYS A 266 15.58 -16.18 -16.06
C LYS A 266 15.23 -14.96 -15.12
N LYS A 267 15.92 -13.84 -15.25
CA LYS A 267 15.65 -12.69 -14.42
C LYS A 267 14.28 -12.14 -14.70
N PRO A 268 13.51 -11.87 -13.65
CA PRO A 268 12.23 -11.15 -13.81
C PRO A 268 12.48 -9.66 -14.10
N ASP A 269 11.42 -8.95 -14.45
CA ASP A 269 11.35 -7.50 -14.46
C ASP A 269 11.74 -7.04 -13.04
N ARG A 270 12.54 -5.97 -12.95
CA ARG A 270 13.02 -5.48 -11.68
C ARG A 270 11.99 -4.65 -10.92
N ARG A 271 10.91 -4.19 -11.59
CA ARG A 271 9.77 -3.56 -10.95
C ARG A 271 8.53 -4.29 -11.40
N ILE A 272 7.75 -4.84 -10.48
CA ILE A 272 6.50 -5.53 -10.89
C ILE A 272 5.37 -4.89 -10.07
N PHE A 273 4.52 -4.09 -10.74
CA PHE A 273 3.39 -3.42 -10.14
C PHE A 273 2.31 -4.46 -9.94
N THR A 274 1.75 -4.51 -8.73
CA THR A 274 0.72 -5.42 -8.34
C THR A 274 -0.63 -4.74 -8.47
N PRO A 275 -1.69 -5.51 -8.66
CA PRO A 275 -3.02 -4.98 -8.86
C PRO A 275 -3.52 -4.18 -7.65
N VAL A 276 -4.27 -3.13 -7.95
CA VAL A 276 -5.04 -2.40 -6.95
C VAL A 276 -6.50 -2.39 -7.44
N ILE A 277 -7.44 -2.32 -6.50
CA ILE A 277 -8.86 -2.35 -6.77
C ILE A 277 -9.55 -1.19 -6.03
N GLU A 278 -10.25 -0.36 -6.77
CA GLU A 278 -11.09 0.74 -6.24
C GLU A 278 -12.46 0.24 -5.82
N ILE A 279 -12.95 0.77 -4.70
CA ILE A 279 -14.19 0.34 -4.10
C ILE A 279 -14.95 1.63 -3.84
N ASP A 280 -16.12 1.83 -4.46
CA ASP A 280 -16.92 3.02 -4.22
C ASP A 280 -18.33 2.63 -3.80
N THR A 281 -19.07 3.62 -3.34
CA THR A 281 -20.39 3.37 -2.76
C THR A 281 -21.28 2.61 -3.77
N GLU A 282 -21.26 3.02 -5.04
CA GLU A 282 -22.04 2.35 -6.08
C GLU A 282 -21.57 0.92 -6.45
N THR A 283 -20.28 0.61 -6.35
CA THR A 283 -19.79 -0.66 -6.89
C THR A 283 -19.39 -1.67 -5.87
N ILE A 284 -19.33 -1.27 -4.59
CA ILE A 284 -18.63 -2.07 -3.57
C ILE A 284 -19.13 -3.51 -3.47
N ASP A 285 -20.44 -3.67 -3.38
CA ASP A 285 -20.98 -5.02 -3.16
C ASP A 285 -20.74 -5.96 -4.40
N ARG A 286 -20.93 -5.43 -5.60
CA ARG A 286 -20.61 -6.14 -6.83
C ARG A 286 -19.13 -6.46 -6.90
N VAL A 287 -18.31 -5.46 -6.66
CA VAL A 287 -16.87 -5.69 -6.73
C VAL A 287 -16.47 -6.78 -5.74
N MSE A 288 -16.98 -6.65 -4.54
CA MSE A 288 -16.51 -7.55 -3.49
C MSE A 288 -16.99 -8.98 -3.60
O MSE A 288 -16.43 -9.86 -2.91
CB MSE A 288 -16.83 -6.95 -2.12
CG MSE A 288 -15.77 -5.87 -1.78
SE MSE A 288 -16.22 -5.29 0.08
CE MSE A 288 -15.46 -6.75 1.18
N SER A 289 -17.97 -9.25 -4.43
CA SER A 289 -18.41 -10.62 -4.62
C SER A 289 -17.75 -11.26 -5.84
N GLY A 290 -16.94 -10.48 -6.56
CA GLY A 290 -16.21 -10.94 -7.73
C GLY A 290 -14.91 -11.70 -7.51
N ALA A 291 -14.46 -12.27 -8.61
CA ALA A 291 -13.27 -13.12 -8.60
C ALA A 291 -12.02 -12.30 -8.46
N ALA A 292 -11.98 -11.10 -9.04
CA ALA A 292 -10.76 -10.28 -8.92
C ALA A 292 -10.56 -9.88 -7.47
N TRP A 293 -11.64 -9.54 -6.79
CA TRP A 293 -11.56 -9.26 -5.34
C TRP A 293 -11.13 -10.47 -4.57
N GLU A 294 -11.60 -11.64 -4.93
CA GLU A 294 -11.15 -12.81 -4.18
C GLU A 294 -9.63 -13.11 -4.36
N ARG A 295 -9.10 -12.95 -5.57
CA ARG A 295 -7.66 -13.06 -5.74
CA ARG A 295 -7.64 -12.99 -5.82
C ARG A 295 -6.91 -11.95 -4.99
N CYS A 296 -7.50 -10.75 -4.95
CA CYS A 296 -6.84 -9.54 -4.38
C CYS A 296 -6.65 -9.63 -2.85
N GLU A 297 -7.71 -10.02 -2.15
CA GLU A 297 -7.72 -10.10 -0.70
C GLU A 297 -8.03 -11.49 -0.08
N ASN A 298 -8.68 -12.37 -0.80
CA ASN A 298 -9.07 -13.75 -0.30
C ASN A 298 -10.00 -13.70 0.91
C1 GOL B . -1.26 -2.55 -11.49
O1 GOL B . -1.13 -2.87 -12.88
C2 GOL B . -1.28 -1.04 -11.21
O2 GOL B . -0.09 -0.40 -11.68
C3 GOL B . -1.28 -0.73 -9.71
O3 GOL B . -0.11 -1.19 -9.02
C1 GOL C . 1.98 -0.18 1.84
O1 GOL C . 3.13 -0.47 2.71
C2 GOL C . 1.34 1.21 2.09
O2 GOL C . 0.14 1.16 2.86
C3 GOL C . 2.29 2.15 2.82
O3 GOL C . 3.56 2.08 2.15
C1 GOL D . 15.62 1.24 -5.31
O1 GOL D . 15.89 0.44 -6.49
C2 GOL D . 14.13 1.52 -5.22
O2 GOL D . 13.53 1.18 -6.45
C3 GOL D . 13.38 0.64 -4.23
O3 GOL D . 13.94 -0.67 -4.17
#